data_4GDA
#
_entry.id   4GDA
#
_cell.length_a   46.809
_cell.length_b   94.027
_cell.length_c   104.279
_cell.angle_alpha   90.000
_cell.angle_beta   90.000
_cell.angle_gamma   90.000
#
_symmetry.space_group_name_H-M   'I 2 2 2'
#
loop_
_entity.id
_entity.type
_entity.pdbx_description
1 polymer Streptavidin
2 non-polymer BIOTIN
3 non-polymer GLYCEROL
4 non-polymer 'SULFATE ION'
5 non-polymer ETHANOL
6 water water
#
_entity_poly.entity_id   1
_entity_poly.type   'polypeptide(L)'
_entity_poly.pdbx_seq_one_letter_code
;AESRYVLTGRYDSAPATDGSGTALGWTVAWKNNYRNAHSATTWSGQYVGGAEARINTQWLLTSGTTEANAWKSTLVGHDT
FTKVKPSAASGGGSAEAGITGTWYNQLGSTFIVTAGADGALTGTYESAVGN
;
_entity_poly.pdbx_strand_id   A,B
#
loop_
_chem_comp.id
_chem_comp.type
_chem_comp.name
_chem_comp.formula
BTN non-polymer BIOTIN 'C10 H16 N2 O3 S'
EOH non-polymer ETHANOL 'C2 H6 O'
GOL non-polymer GLYCEROL 'C3 H8 O3'
SO4 non-polymer 'SULFATE ION' 'O4 S -2'
#
# COMPACT_ATOMS: atom_id res chain seq x y z
N ALA A 1 9.88 10.61 -15.30
CA ALA A 1 9.65 12.08 -15.39
C ALA A 1 9.51 12.67 -13.99
N GLU A 2 9.75 13.98 -13.88
CA GLU A 2 9.76 14.70 -12.60
C GLU A 2 8.46 14.54 -11.80
N SER A 3 7.34 14.47 -12.51
CA SER A 3 6.03 14.43 -11.90
C SER A 3 5.57 13.00 -11.60
N ARG A 4 6.25 11.99 -12.14
CA ARG A 4 5.77 10.60 -12.01
C ARG A 4 6.55 9.80 -10.98
N TYR A 5 5.81 8.99 -10.23
CA TYR A 5 6.37 8.14 -9.20
C TYR A 5 5.96 6.70 -9.42
N VAL A 6 6.82 5.77 -9.07
CA VAL A 6 6.51 4.35 -9.16
C VAL A 6 5.44 3.98 -8.16
N LEU A 7 4.52 3.13 -8.61
CA LEU A 7 3.66 2.44 -7.66
C LEU A 7 3.74 0.94 -7.86
N THR A 8 3.46 0.24 -6.77
CA THR A 8 3.23 -1.17 -6.81
C THR A 8 2.10 -1.50 -5.87
N GLY A 9 1.36 -2.56 -6.19
CA GLY A 9 0.30 -3.01 -5.32
C GLY A 9 -0.17 -4.39 -5.70
N ARG A 10 -1.34 -4.73 -5.16
CA ARG A 10 -1.93 -6.06 -5.33
C ARG A 10 -3.43 -5.90 -5.48
N TYR A 11 -4.04 -6.81 -6.20
CA TYR A 11 -5.49 -6.88 -6.30
C TYR A 11 -5.92 -8.33 -6.23
N ASP A 12 -7.19 -8.53 -5.87
CA ASP A 12 -7.81 -9.84 -5.88
C ASP A 12 -8.02 -10.28 -7.33
N SER A 13 -7.23 -11.24 -7.78
CA SER A 13 -7.25 -11.70 -9.17
C SER A 13 -8.30 -12.78 -9.41
N ALA A 14 -9.09 -13.13 -8.40
CA ALA A 14 -10.18 -14.08 -8.57
C ALA A 14 -11.36 -13.59 -7.73
N PRO A 15 -11.89 -12.39 -8.06
CA PRO A 15 -12.87 -11.75 -7.20
C PRO A 15 -14.19 -12.46 -7.25
N ALA A 16 -15.06 -12.12 -6.30
CA ALA A 16 -16.40 -12.67 -6.31
C ALA A 16 -17.11 -12.17 -7.54
N THR A 17 -18.00 -12.98 -8.09
CA THR A 17 -18.76 -12.57 -9.26
C THR A 17 -20.23 -12.36 -8.90
N ASP A 18 -20.45 -11.94 -7.66
CA ASP A 18 -21.79 -11.82 -7.09
C ASP A 18 -22.30 -10.38 -6.93
N GLY A 19 -21.66 -9.42 -7.60
CA GLY A 19 -22.03 -8.00 -7.51
C GLY A 19 -21.04 -7.20 -6.67
N SER A 20 -20.11 -7.90 -6.06
CA SER A 20 -19.12 -7.27 -5.21
C SER A 20 -18.01 -6.60 -6.04
N GLY A 21 -17.40 -5.56 -5.46
CA GLY A 21 -16.20 -4.98 -6.01
C GLY A 21 -15.00 -5.89 -5.84
N THR A 22 -13.92 -5.48 -6.51
CA THR A 22 -12.67 -6.20 -6.48
C THR A 22 -11.70 -5.44 -5.57
N ALA A 23 -11.28 -6.06 -4.47
CA ALA A 23 -10.39 -5.40 -3.53
C ALA A 23 -9.01 -5.21 -4.12
N LEU A 24 -8.39 -4.08 -3.79
CA LEU A 24 -7.05 -3.78 -4.25
C LEU A 24 -6.39 -2.74 -3.35
N GLY A 25 -5.09 -2.61 -3.49
CA GLY A 25 -4.37 -1.53 -2.85
C GLY A 25 -3.07 -1.28 -3.56
N TRP A 26 -2.50 -0.11 -3.36
CA TRP A 26 -1.18 0.18 -3.87
C TRP A 26 -0.49 1.23 -3.04
N THR A 27 0.82 1.33 -3.23
CA THR A 27 1.68 2.24 -2.53
C THR A 27 2.50 3.07 -3.53
N VAL A 28 2.66 4.35 -3.19
CA VAL A 28 3.67 5.23 -3.77
C VAL A 28 4.56 5.73 -2.64
N ALA A 29 5.87 5.51 -2.75
CA ALA A 29 6.83 6.28 -1.96
C ALA A 29 7.21 7.49 -2.80
N TRP A 30 7.15 8.68 -2.20
CA TRP A 30 7.23 9.92 -2.93
C TRP A 30 8.66 10.37 -3.17
N LYS A 31 9.46 9.43 -3.68
CA LYS A 31 10.81 9.66 -4.17
C LYS A 31 10.83 9.21 -5.61
N ASN A 32 11.34 10.08 -6.48
CA ASN A 32 11.69 9.66 -7.83
C ASN A 32 13.08 10.23 -8.10
N ASN A 33 13.51 10.29 -9.35
CA ASN A 33 14.87 10.75 -9.62
C ASN A 33 14.97 12.26 -9.66
N TYR A 34 13.91 12.95 -9.27
CA TYR A 34 13.85 14.40 -9.31
C TYR A 34 13.52 15.05 -7.98
N ARG A 35 12.74 14.37 -7.13
CA ARG A 35 12.22 14.93 -5.90
C ARG A 35 12.08 13.84 -4.87
N ASN A 36 12.09 14.23 -3.60
CA ASN A 36 11.82 13.30 -2.52
C ASN A 36 11.11 14.03 -1.39
N ALA A 37 9.85 13.68 -1.17
CA ALA A 37 9.03 14.26 -0.10
C ALA A 37 9.19 13.54 1.24
N HIS A 38 9.95 12.44 1.28
CA HIS A 38 10.12 11.64 2.49
C HIS A 38 8.78 11.25 3.06
N SER A 39 8.00 10.57 2.24
CA SER A 39 6.65 10.18 2.60
C SER A 39 6.20 9.07 1.68
N ALA A 40 5.10 8.43 2.06
CA ALA A 40 4.54 7.34 1.26
C ALA A 40 3.04 7.33 1.47
N THR A 41 2.30 7.09 0.41
CA THR A 41 0.85 6.92 0.47
C THR A 41 0.48 5.51 0.10
N THR A 42 -0.48 4.95 0.85
CA THR A 42 -1.14 3.73 0.43
C THR A 42 -2.62 4.03 0.19
N TRP A 43 -3.13 3.49 -0.90
CA TRP A 43 -4.56 3.53 -1.23
C TRP A 43 -5.10 2.12 -1.08
N SER A 44 -6.21 2.00 -0.36
CA SER A 44 -6.90 0.74 -0.14
C SER A 44 -8.31 0.94 -0.63
N GLY A 45 -8.83 0.05 -1.47
CA GLY A 45 -10.15 0.26 -1.99
C GLY A 45 -10.67 -0.89 -2.80
N GLN A 46 -11.64 -0.56 -3.65
CA GLN A 46 -12.20 -1.56 -4.54
C GLN A 46 -12.48 -0.98 -5.90
N TYR A 47 -12.29 -1.83 -6.88
CA TYR A 47 -12.64 -1.59 -8.27
C TYR A 47 -14.07 -2.05 -8.48
N VAL A 48 -14.85 -1.13 -9.05
CA VAL A 48 -16.22 -1.38 -9.44
C VAL A 48 -16.27 -1.28 -10.96
N GLY A 49 -16.51 -2.41 -11.61
CA GLY A 49 -16.46 -2.52 -13.07
C GLY A 49 -17.72 -2.06 -13.75
N GLY A 50 -17.77 -2.29 -15.06
CA GLY A 50 -18.84 -1.80 -15.90
C GLY A 50 -18.39 -0.65 -16.78
N ALA A 51 -19.33 -0.05 -17.49
CA ALA A 51 -19.02 1.05 -18.39
C ALA A 51 -18.63 2.32 -17.64
N GLU A 52 -19.09 2.44 -16.41
CA GLU A 52 -18.73 3.58 -15.56
C GLU A 52 -17.86 3.12 -14.39
N ALA A 53 -16.74 2.56 -14.79
CA ALA A 53 -15.78 1.96 -13.91
C ALA A 53 -15.19 3.00 -12.95
N ARG A 54 -15.06 2.58 -11.69
CA ARG A 54 -14.51 3.42 -10.65
C ARG A 54 -13.59 2.60 -9.79
N ILE A 55 -12.59 3.27 -9.24
CA ILE A 55 -11.82 2.71 -8.13
C ILE A 55 -12.05 3.66 -6.97
N ASN A 56 -12.68 3.17 -5.91
CA ASN A 56 -13.03 3.96 -4.74
C ASN A 56 -12.07 3.61 -3.65
N THR A 57 -11.39 4.60 -3.09
CA THR A 57 -10.31 4.36 -2.15
C THR A 57 -10.39 5.24 -0.93
N GLN A 58 -9.72 4.75 0.11
CA GLN A 58 -9.26 5.54 1.23
C GLN A 58 -7.75 5.42 1.25
N TRP A 59 -7.07 6.42 1.77
CA TRP A 59 -5.63 6.43 1.74
C TRP A 59 -5.04 6.93 3.04
N LEU A 60 -3.80 6.51 3.25
CA LEU A 60 -2.98 6.92 4.40
C LEU A 60 -1.65 7.41 3.84
N LEU A 61 -1.28 8.63 4.22
CA LEU A 61 -0.05 9.27 3.76
C LEU A 61 0.82 9.51 4.99
N THR A 62 1.87 8.70 5.12
CA THR A 62 2.78 8.80 6.25
C THR A 62 4.05 9.49 5.81
N SER A 63 4.41 10.53 6.56
CA SER A 63 5.67 11.22 6.38
C SER A 63 6.69 10.70 7.38
N GLY A 64 7.94 10.60 6.97
CA GLY A 64 9.01 10.33 7.92
C GLY A 64 9.12 11.49 8.90
N THR A 65 9.14 11.16 10.19
CA THR A 65 9.22 12.16 11.23
C THR A 65 10.18 11.70 12.31
N THR A 66 10.53 12.60 13.19
CA THR A 66 11.15 12.20 14.44
C THR A 66 10.12 11.45 15.28
N GLU A 67 10.59 10.74 16.29
CA GLU A 67 9.66 10.07 17.19
C GLU A 67 8.76 11.08 17.90
N ALA A 68 9.30 12.24 18.27
CA ALA A 68 8.53 13.26 18.96
C ALA A 68 7.39 13.78 18.12
N ASN A 69 7.54 13.74 16.81
CA ASN A 69 6.52 14.24 15.89
C ASN A 69 5.70 13.12 15.24
N ALA A 70 5.88 11.88 15.68
CA ALA A 70 5.22 10.76 15.02
C ALA A 70 3.71 10.82 15.15
N TRP A 71 3.20 11.44 16.22
CA TRP A 71 1.76 11.56 16.38
C TRP A 71 1.11 12.26 15.22
N LYS A 72 1.85 13.14 14.54
CA LYS A 72 1.32 13.93 13.42
C LYS A 72 1.91 13.50 12.08
N SER A 73 2.31 12.24 11.98
CA SER A 73 2.95 11.74 10.78
C SER A 73 2.00 11.32 9.68
N THR A 74 0.73 11.06 9.97
CA THR A 74 -0.12 10.37 9.00
C THR A 74 -1.40 11.13 8.70
N LEU A 75 -1.57 11.48 7.43
CA LEU A 75 -2.81 12.03 6.92
C LEU A 75 -3.70 10.93 6.37
N VAL A 76 -4.99 11.14 6.43
CA VAL A 76 -5.98 10.22 5.87
C VAL A 76 -6.90 10.97 4.95
N GLY A 77 -7.34 10.29 3.90
CA GLY A 77 -8.28 10.87 2.97
C GLY A 77 -8.92 9.81 2.11
N HIS A 78 -9.59 10.27 1.06
CA HIS A 78 -10.31 9.38 0.15
C HIS A 78 -10.25 9.96 -1.23
N ASP A 79 -9.95 9.09 -2.19
CA ASP A 79 -9.90 9.44 -3.61
C ASP A 79 -10.81 8.50 -4.40
N THR A 80 -11.50 9.07 -5.39
CA THR A 80 -12.29 8.30 -6.32
C THR A 80 -11.68 8.47 -7.71
N PHE A 81 -11.39 7.34 -8.34
CA PHE A 81 -10.76 7.33 -9.64
C PHE A 81 -11.74 6.92 -10.71
N THR A 82 -11.70 7.66 -11.82
CA THR A 82 -12.50 7.44 -13.01
C THR A 82 -11.57 6.98 -14.12
N LYS A 83 -11.99 5.96 -14.86
CA LYS A 83 -11.14 5.41 -15.89
C LYS A 83 -11.32 6.22 -17.15
N VAL A 84 -10.19 6.51 -17.76
N VAL A 84 -10.24 6.52 -17.83
CA VAL A 84 -10.17 7.13 -19.03
CA VAL A 84 -10.36 7.26 -19.07
C VAL A 84 -10.53 6.03 -20.01
C VAL A 84 -10.34 6.28 -20.20
N LYS A 85 -11.47 6.30 -20.90
CA LYS A 85 -11.83 5.33 -21.94
C LYS A 85 -12.15 3.92 -21.44
N PRO A 86 -13.15 3.79 -20.55
CA PRO A 86 -13.49 2.46 -20.05
C PRO A 86 -14.07 1.55 -21.13
N SER A 94 -12.75 -9.17 -17.32
CA SER A 94 -11.91 -9.57 -16.16
C SER A 94 -11.51 -8.36 -15.32
N ALA A 95 -11.17 -8.60 -14.06
CA ALA A 95 -10.65 -7.56 -13.20
C ALA A 95 -9.31 -7.07 -13.74
N GLU A 96 -8.52 -7.99 -14.31
CA GLU A 96 -7.23 -7.63 -14.89
C GLU A 96 -7.40 -6.54 -15.95
N ALA A 97 -8.28 -6.79 -16.92
CA ALA A 97 -8.51 -5.85 -18.02
C ALA A 97 -9.23 -4.59 -17.51
N GLY A 98 -10.09 -4.81 -16.53
CA GLY A 98 -10.88 -3.75 -15.95
C GLY A 98 -10.02 -2.72 -15.27
N ILE A 99 -9.10 -3.20 -14.46
CA ILE A 99 -8.22 -2.32 -13.72
C ILE A 99 -7.16 -1.68 -14.62
N THR A 100 -6.58 -2.44 -15.55
CA THR A 100 -5.50 -1.94 -16.37
C THR A 100 -5.95 -0.73 -17.19
N GLY A 101 -5.20 0.35 -17.09
CA GLY A 101 -5.47 1.56 -17.86
C GLY A 101 -5.03 2.80 -17.12
N THR A 102 -5.57 3.93 -17.59
CA THR A 102 -5.29 5.24 -17.03
C THR A 102 -6.53 5.73 -16.32
N TRP A 103 -6.31 6.29 -15.13
CA TRP A 103 -7.36 6.75 -14.25
C TRP A 103 -7.02 8.12 -13.74
N TYR A 104 -8.02 8.95 -13.50
N TYR A 104 -8.05 8.90 -13.43
CA TYR A 104 -7.80 10.27 -12.88
CA TYR A 104 -7.86 10.18 -12.76
C TYR A 104 -8.71 10.37 -11.63
C TYR A 104 -8.71 10.26 -11.53
N ASN A 105 -8.27 11.07 -10.58
CA ASN A 105 -9.08 11.32 -9.41
C ASN A 105 -9.59 12.74 -9.35
N GLN A 106 -10.32 13.03 -8.30
CA GLN A 106 -11.01 14.29 -8.18
C GLN A 106 -10.07 15.49 -8.01
N LEU A 107 -8.82 15.24 -7.63
CA LEU A 107 -7.82 16.30 -7.55
C LEU A 107 -7.18 16.59 -8.89
N GLY A 108 -7.41 15.72 -9.88
CA GLY A 108 -6.71 15.79 -11.14
C GLY A 108 -5.40 15.02 -11.19
N SER A 109 -5.18 14.14 -10.22
CA SER A 109 -4.05 13.24 -10.26
C SER A 109 -4.29 12.12 -11.25
N THR A 110 -3.23 11.46 -11.71
N THR A 110 -3.17 11.65 -11.83
CA THR A 110 -3.38 10.38 -12.68
CA THR A 110 -3.10 10.60 -12.85
C THR A 110 -2.61 9.10 -12.29
C THR A 110 -2.51 9.39 -12.21
N PHE A 111 -3.30 7.99 -12.48
N PHE A 111 -3.13 8.26 -12.44
CA PHE A 111 -2.91 6.70 -11.98
CA PHE A 111 -2.32 7.11 -12.43
C PHE A 111 -2.83 5.77 -13.22
C PHE A 111 -2.65 6.12 -13.47
N ILE A 112 -1.61 5.39 -13.69
CA ILE A 112 -1.47 4.52 -14.82
C ILE A 112 -1.08 3.18 -14.26
N VAL A 113 -1.88 2.16 -14.51
CA VAL A 113 -1.69 0.88 -13.85
C VAL A 113 -1.85 -0.27 -14.82
N THR A 114 -1.09 -1.33 -14.56
CA THR A 114 -1.26 -2.60 -15.24
C THR A 114 -1.47 -3.66 -14.17
N ALA A 115 -2.53 -4.42 -14.33
CA ALA A 115 -2.87 -5.50 -13.47
C ALA A 115 -2.40 -6.82 -14.11
N GLY A 116 -1.58 -7.56 -13.39
CA GLY A 116 -1.05 -8.84 -13.86
C GLY A 116 -1.91 -10.01 -13.45
N ALA A 117 -1.75 -11.11 -14.18
CA ALA A 117 -2.54 -12.31 -13.94
C ALA A 117 -2.34 -12.88 -12.54
N ASP A 118 -1.20 -12.60 -11.94
CA ASP A 118 -0.82 -13.08 -10.62
C ASP A 118 -1.29 -12.20 -9.47
N GLY A 119 -2.04 -11.14 -9.75
CA GLY A 119 -2.47 -10.22 -8.70
C GLY A 119 -1.60 -8.98 -8.56
N ALA A 120 -0.58 -8.82 -9.39
CA ALA A 120 0.30 -7.68 -9.29
C ALA A 120 -0.33 -6.42 -9.88
N LEU A 121 -0.09 -5.28 -9.23
CA LEU A 121 -0.33 -3.97 -9.82
C LEU A 121 1.02 -3.27 -9.95
N THR A 122 1.28 -2.70 -11.12
CA THR A 122 2.47 -1.91 -11.37
C THR A 122 2.07 -0.69 -12.17
N GLY A 123 2.77 0.41 -12.02
CA GLY A 123 2.50 1.58 -12.83
C GLY A 123 3.14 2.81 -12.27
N THR A 124 2.54 3.95 -12.56
CA THR A 124 3.06 5.23 -12.16
C THR A 124 1.92 6.12 -11.68
N TYR A 125 2.26 7.04 -10.81
CA TYR A 125 1.31 7.97 -10.24
C TYR A 125 1.85 9.39 -10.39
N GLU A 126 0.96 10.32 -10.73
CA GLU A 126 1.29 11.75 -10.81
C GLU A 126 0.27 12.48 -9.96
N SER A 127 0.71 13.11 -8.89
CA SER A 127 -0.19 13.83 -8.01
C SER A 127 -0.33 15.27 -8.42
N ALA A 128 -1.57 15.76 -8.43
CA ALA A 128 -1.88 17.17 -8.68
C ALA A 128 -1.49 18.07 -7.53
N VAL A 129 -1.27 17.51 -6.34
CA VAL A 129 -1.00 18.26 -5.13
C VAL A 129 0.18 17.69 -4.37
N GLY A 130 0.71 18.46 -3.44
CA GLY A 130 1.79 18.00 -2.58
C GLY A 130 3.11 17.99 -3.30
N ASN A 131 4.02 17.17 -2.79
CA ASN A 131 5.40 17.11 -3.25
C ASN A 131 6.10 18.45 -3.19
N ALA B 1 2.90 -21.06 0.23
CA ALA B 1 2.57 -21.65 1.56
C ALA B 1 1.18 -21.23 1.99
N GLU B 2 0.50 -22.11 2.71
CA GLU B 2 -0.92 -21.92 3.04
C GLU B 2 -1.25 -20.62 3.75
N SER B 3 -0.39 -20.21 4.67
N SER B 3 -0.39 -20.29 4.71
CA SER B 3 -0.71 -19.11 5.51
CA SER B 3 -0.60 -19.17 5.58
C SER B 3 0.04 -17.90 5.06
C SER B 3 -0.11 -17.89 4.93
N ARG B 4 0.81 -17.99 3.97
CA ARG B 4 1.51 -16.81 3.47
C ARG B 4 0.83 -16.23 2.24
N TYR B 5 0.84 -14.90 2.21
CA TYR B 5 0.29 -14.12 1.12
C TYR B 5 1.36 -13.17 0.59
N VAL B 6 1.34 -12.93 -0.71
CA VAL B 6 2.27 -12.03 -1.35
C VAL B 6 2.03 -10.59 -0.93
N LEU B 7 3.11 -9.84 -0.72
CA LEU B 7 3.02 -8.40 -0.58
C LEU B 7 3.99 -7.69 -1.49
N THR B 8 3.64 -6.47 -1.87
N THR B 8 3.63 -6.46 -1.82
CA THR B 8 4.60 -5.55 -2.45
CA THR B 8 4.53 -5.54 -2.52
C THR B 8 4.33 -4.18 -1.91
C THR B 8 4.29 -4.13 -1.99
N GLY B 9 5.34 -3.32 -1.98
CA GLY B 9 5.20 -1.95 -1.55
C GLY B 9 6.42 -1.14 -1.95
N ARG B 10 6.55 0.01 -1.29
CA ARG B 10 7.59 0.98 -1.60
C ARG B 10 8.07 1.62 -0.31
N TYR B 11 9.31 2.07 -0.29
CA TYR B 11 9.83 2.81 0.83
C TYR B 11 10.75 3.90 0.30
N ASP B 12 10.99 4.90 1.13
CA ASP B 12 11.91 5.99 0.82
C ASP B 12 13.33 5.47 0.95
N SER B 13 13.99 5.29 -0.19
CA SER B 13 15.34 4.75 -0.25
C SER B 13 16.43 5.80 -0.11
N ALA B 14 16.06 7.05 0.21
CA ALA B 14 17.04 8.09 0.52
C ALA B 14 16.41 9.00 1.56
N PRO B 15 16.21 8.48 2.78
CA PRO B 15 15.53 9.26 3.81
C PRO B 15 16.28 10.50 4.22
N ALA B 16 15.56 11.45 4.82
N ALA B 16 15.61 11.32 5.01
CA ALA B 16 16.09 12.79 5.07
CA ALA B 16 16.23 12.48 5.64
C ALA B 16 17.41 12.72 5.83
C ALA B 16 17.32 12.05 6.61
N THR B 17 18.31 13.65 5.50
N THR B 17 18.32 12.92 6.76
CA THR B 17 19.63 13.65 6.11
CA THR B 17 19.44 12.63 7.63
C THR B 17 19.55 14.05 7.58
C THR B 17 19.34 13.40 8.94
N ASP B 18 18.41 14.59 7.98
N ASP B 18 18.10 13.66 9.36
CA ASP B 18 18.24 15.01 9.36
CA ASP B 18 17.85 14.49 10.54
C ASP B 18 17.92 13.85 10.28
C ASP B 18 17.21 13.76 11.75
N GLY B 19 17.79 12.63 9.71
N GLY B 19 17.26 12.41 11.80
CA GLY B 19 17.59 11.43 10.53
CA GLY B 19 16.66 11.67 12.91
C GLY B 19 16.20 10.80 10.57
C GLY B 19 15.24 11.21 12.62
N SER B 20 15.16 11.55 10.19
N SER B 20 14.76 11.55 11.42
CA SER B 20 13.77 11.10 10.35
CA SER B 20 13.44 11.14 10.98
C SER B 20 13.58 9.57 10.37
C SER B 20 13.40 9.70 10.47
N GLY B 21 12.34 9.11 10.51
N GLY B 21 12.27 9.05 10.72
CA GLY B 21 12.00 7.72 10.20
C GLY B 21 11.93 7.63 8.68
N THR B 22 11.84 6.40 8.20
CA THR B 22 11.80 6.11 6.78
C THR B 22 10.39 5.73 6.39
N ALA B 23 9.75 6.55 5.58
CA ALA B 23 8.38 6.30 5.17
C ALA B 23 8.28 5.07 4.27
N LEU B 24 7.19 4.32 4.43
CA LEU B 24 7.00 3.13 3.65
C LEU B 24 5.53 2.74 3.62
N GLY B 25 5.20 1.83 2.73
CA GLY B 25 3.89 1.21 2.71
C GLY B 25 3.93 -0.09 1.93
N TRP B 26 2.95 -0.94 2.18
CA TRP B 26 2.81 -2.15 1.39
C TRP B 26 1.38 -2.63 1.38
N THR B 27 1.08 -3.53 0.45
CA THR B 27 -0.24 -4.10 0.25
C THR B 27 -0.16 -5.61 0.22
N VAL B 28 -1.16 -6.24 0.83
CA VAL B 28 -1.49 -7.64 0.65
C VAL B 28 -2.91 -7.75 0.11
N ALA B 29 -3.08 -8.45 -1.01
CA ALA B 29 -4.41 -8.92 -1.40
C ALA B 29 -4.57 -10.34 -0.86
N TRP B 30 -5.65 -10.61 -0.15
CA TRP B 30 -5.76 -11.84 0.64
C TRP B 30 -6.26 -13.02 -0.15
N LYS B 31 -5.57 -13.27 -1.26
CA LYS B 31 -5.77 -14.43 -2.12
C LYS B 31 -4.44 -15.15 -2.22
N ASN B 32 -4.44 -16.46 -1.98
CA ASN B 32 -3.28 -17.28 -2.28
C ASN B 32 -3.81 -18.58 -2.87
N ASN B 33 -3.00 -19.61 -2.94
CA ASN B 33 -3.43 -20.86 -3.55
C ASN B 33 -4.41 -21.66 -2.69
N TYR B 34 -4.64 -21.22 -1.45
CA TYR B 34 -5.46 -21.95 -0.49
C TYR B 34 -6.78 -21.27 -0.17
N ARG B 35 -6.79 -19.94 -0.17
CA ARG B 35 -7.93 -19.18 0.32
C ARG B 35 -8.02 -17.86 -0.40
N ASN B 36 -9.22 -17.28 -0.38
CA ASN B 36 -9.42 -15.95 -0.92
C ASN B 36 -10.47 -15.25 -0.07
N ALA B 37 -10.04 -14.24 0.67
CA ALA B 37 -10.93 -13.46 1.53
C ALA B 37 -11.60 -12.31 0.79
N HIS B 38 -11.25 -12.11 -0.48
CA HIS B 38 -11.80 -11.00 -1.28
C HIS B 38 -11.63 -9.68 -0.55
N SER B 39 -10.38 -9.37 -0.24
CA SER B 39 -10.05 -8.21 0.56
C SER B 39 -8.57 -7.89 0.34
N ALA B 40 -8.19 -6.69 0.74
CA ALA B 40 -6.81 -6.23 0.64
C ALA B 40 -6.52 -5.29 1.79
N THR B 41 -5.33 -5.42 2.38
CA THR B 41 -4.87 -4.50 3.38
C THR B 41 -3.69 -3.70 2.85
N THR B 42 -3.67 -2.42 3.18
CA THR B 42 -2.48 -1.60 2.99
C THR B 42 -2.02 -1.10 4.35
N TRP B 43 -0.71 -1.18 4.58
CA TRP B 43 -0.04 -0.63 5.75
C TRP B 43 0.76 0.56 5.30
N SER B 44 0.62 1.68 6.01
CA SER B 44 1.35 2.91 5.75
C SER B 44 2.06 3.28 7.05
N GLY B 45 3.35 3.58 7.00
CA GLY B 45 4.02 3.88 8.25
C GLY B 45 5.44 4.31 8.05
N GLN B 46 6.20 4.16 9.14
N GLN B 46 6.23 4.12 9.09
CA GLN B 46 7.62 4.52 9.21
CA GLN B 46 7.64 4.45 8.99
C GLN B 46 8.42 3.37 9.78
C GLN B 46 8.48 3.49 9.81
N TYR B 47 9.64 3.20 9.24
CA TYR B 47 10.67 2.40 9.87
C TYR B 47 11.53 3.32 10.71
N VAL B 48 11.78 2.88 11.93
CA VAL B 48 12.59 3.59 12.92
C VAL B 48 13.71 2.65 13.29
N GLY B 49 14.92 2.93 12.84
CA GLY B 49 16.05 2.05 13.05
C GLY B 49 16.66 2.20 14.43
N GLY B 50 17.77 1.50 14.65
CA GLY B 50 18.48 1.59 15.91
C GLY B 50 18.50 0.24 16.61
N ALA B 51 18.87 0.27 17.88
CA ALA B 51 19.12 -0.93 18.64
C ALA B 51 17.96 -1.90 18.63
N GLU B 52 16.74 -1.34 18.68
CA GLU B 52 15.54 -2.14 18.66
C GLU B 52 14.59 -1.51 17.65
N ALA B 53 14.85 -1.87 16.42
CA ALA B 53 14.16 -1.30 15.30
C ALA B 53 12.66 -1.60 15.32
N ARG B 54 11.89 -0.69 14.73
CA ARG B 54 10.45 -0.79 14.71
C ARG B 54 9.94 -0.36 13.36
N ILE B 55 8.82 -0.94 12.96
CA ILE B 55 8.02 -0.39 11.86
C ILE B 55 6.66 -0.09 12.46
N ASN B 56 6.30 1.19 12.51
CA ASN B 56 5.05 1.65 13.09
C ASN B 56 4.10 1.98 11.96
N THR B 57 2.92 1.35 11.95
CA THR B 57 2.01 1.47 10.85
C THR B 57 0.59 1.74 11.30
N GLN B 58 -0.16 2.29 10.35
CA GLN B 58 -1.61 2.26 10.35
C GLN B 58 -2.04 1.55 9.10
N TRP B 59 -3.19 0.89 9.12
CA TRP B 59 -3.60 0.09 7.99
C TRP B 59 -5.07 0.29 7.67
N LEU B 60 -5.38 -0.01 6.42
CA LEU B 60 -6.74 0.00 5.86
C LEU B 60 -7.01 -1.33 5.20
N LEU B 61 -8.05 -2.03 5.64
CA LEU B 61 -8.43 -3.34 5.13
C LEU B 61 -9.77 -3.19 4.42
N THR B 62 -9.73 -3.19 3.10
CA THR B 62 -10.93 -3.06 2.32
C THR B 62 -11.37 -4.42 1.80
N SER B 63 -12.62 -4.77 2.07
CA SER B 63 -13.24 -5.94 1.52
C SER B 63 -14.04 -5.58 0.28
N GLY B 64 -14.05 -6.46 -0.71
CA GLY B 64 -14.97 -6.30 -1.82
C GLY B 64 -16.40 -6.40 -1.29
N THR B 65 -17.21 -5.42 -1.64
CA THR B 65 -18.60 -5.37 -1.20
C THR B 65 -19.48 -4.95 -2.37
N THR B 66 -20.78 -5.10 -2.20
CA THR B 66 -21.70 -4.43 -3.10
C THR B 66 -21.59 -2.93 -2.89
N GLU B 67 -22.06 -2.13 -3.83
CA GLU B 67 -22.00 -0.67 -3.66
C GLU B 67 -22.84 -0.23 -2.47
N ALA B 68 -23.96 -0.91 -2.22
CA ALA B 68 -24.83 -0.60 -1.08
C ALA B 68 -24.13 -0.81 0.27
N ASN B 69 -23.19 -1.75 0.33
CA ASN B 69 -22.47 -2.05 1.55
C ASN B 69 -21.10 -1.43 1.61
N ALA B 70 -20.80 -0.57 0.65
CA ALA B 70 -19.48 0.01 0.60
C ALA B 70 -19.18 0.85 1.82
N TRP B 71 -20.20 1.40 2.47
CA TRP B 71 -19.96 2.21 3.66
C TRP B 71 -19.27 1.43 4.75
N LYS B 72 -19.46 0.10 4.77
CA LYS B 72 -18.85 -0.76 5.79
C LYS B 72 -17.78 -1.69 5.20
N SER B 73 -17.14 -1.23 4.13
CA SER B 73 -16.12 -2.02 3.46
C SER B 73 -14.72 -1.96 4.07
N THR B 74 -14.43 -0.94 4.88
CA THR B 74 -13.03 -0.66 5.21
C THR B 74 -12.81 -0.59 6.71
N LEU B 75 -12.01 -1.52 7.22
CA LEU B 75 -11.52 -1.50 8.58
C LEU B 75 -10.23 -0.69 8.64
N VAL B 76 -9.99 -0.07 9.79
CA VAL B 76 -8.77 0.67 10.05
C VAL B 76 -8.17 0.19 11.36
N GLY B 77 -6.85 0.12 11.41
CA GLY B 77 -6.17 -0.23 12.64
C GLY B 77 -4.72 0.20 12.59
N HIS B 78 -3.96 -0.32 13.53
CA HIS B 78 -2.55 0.03 13.66
C HIS B 78 -1.78 -1.17 14.15
N ASP B 79 -0.66 -1.42 13.47
CA ASP B 79 0.24 -2.51 13.81
C ASP B 79 1.64 -1.96 14.04
N THR B 80 2.29 -2.46 15.07
CA THR B 80 3.69 -2.17 15.32
C THR B 80 4.47 -3.46 15.18
N PHE B 81 5.54 -3.37 14.39
CA PHE B 81 6.36 -4.52 14.06
C PHE B 81 7.73 -4.37 14.70
N THR B 82 8.24 -5.49 15.23
CA THR B 82 9.62 -5.58 15.68
C THR B 82 10.22 -6.85 15.12
N LYS B 83 11.52 -7.03 15.27
CA LYS B 83 12.15 -8.26 14.79
C LYS B 83 12.17 -9.37 15.85
N VAL B 84 11.46 -9.18 16.95
CA VAL B 84 11.45 -10.17 18.01
C VAL B 84 10.42 -11.23 17.70
N LYS B 85 10.87 -12.47 17.52
CA LYS B 85 9.96 -13.57 17.25
C LYS B 85 9.33 -13.97 18.58
N PRO B 86 8.00 -14.00 18.63
CA PRO B 86 7.29 -14.38 19.85
C PRO B 86 7.42 -15.88 20.13
N ALA B 95 19.63 -10.95 13.34
CA ALA B 95 19.01 -9.87 12.53
C ALA B 95 20.06 -8.82 12.13
N GLU B 96 20.01 -8.39 10.88
CA GLU B 96 20.91 -7.35 10.36
C GLU B 96 20.14 -6.03 10.26
N ALA B 97 20.81 -4.93 10.56
CA ALA B 97 20.18 -3.60 10.55
C ALA B 97 19.56 -3.29 9.19
N GLY B 98 18.35 -2.75 9.20
CA GLY B 98 17.63 -2.36 8.00
C GLY B 98 16.22 -2.90 7.96
N ILE B 99 15.49 -2.52 6.92
CA ILE B 99 14.13 -2.97 6.74
C ILE B 99 14.09 -4.45 6.36
N THR B 100 15.01 -4.91 5.52
CA THR B 100 15.02 -6.30 5.11
C THR B 100 15.11 -7.22 6.31
N GLY B 101 14.21 -8.18 6.37
CA GLY B 101 14.22 -9.14 7.44
C GLY B 101 12.84 -9.67 7.74
N THR B 102 12.75 -10.33 8.89
CA THR B 102 11.52 -10.93 9.37
C THR B 102 11.04 -10.15 10.59
N TRP B 103 9.80 -9.69 10.51
CA TRP B 103 9.18 -8.84 11.50
C TRP B 103 7.93 -9.49 12.01
N TYR B 104 7.53 -9.12 13.23
CA TYR B 104 6.34 -9.66 13.87
C TYR B 104 5.58 -8.49 14.47
N ASN B 105 4.26 -8.52 14.36
CA ASN B 105 3.47 -7.47 14.99
C ASN B 105 2.86 -7.95 16.30
N GLN B 106 2.07 -7.09 16.91
CA GLN B 106 1.51 -7.32 18.22
C GLN B 106 0.47 -8.45 18.23
N LEU B 107 -0.04 -8.82 17.07
CA LEU B 107 -0.95 -9.95 16.92
C LEU B 107 -0.20 -11.27 16.74
N GLY B 108 1.11 -11.20 16.49
CA GLY B 108 1.91 -12.37 16.17
C GLY B 108 1.98 -12.69 14.69
N SER B 109 1.50 -11.79 13.85
CA SER B 109 1.64 -11.97 12.40
C SER B 109 3.10 -11.81 11.98
N THR B 110 3.47 -12.47 10.89
CA THR B 110 4.84 -12.51 10.42
C THR B 110 4.94 -11.83 9.06
N PHE B 111 5.80 -10.82 8.99
CA PHE B 111 6.04 -9.98 7.82
C PHE B 111 7.48 -10.18 7.39
N ILE B 112 7.67 -10.85 6.25
CA ILE B 112 9.01 -11.16 5.77
C ILE B 112 9.20 -10.32 4.52
N VAL B 113 10.20 -9.44 4.55
CA VAL B 113 10.33 -8.42 3.54
C VAL B 113 11.75 -8.25 3.08
N THR B 114 11.89 -7.98 1.79
CA THR B 114 13.14 -7.55 1.18
C THR B 114 12.96 -6.13 0.70
N ALA B 115 13.88 -5.26 1.09
CA ALA B 115 13.91 -3.87 0.67
C ALA B 115 14.99 -3.72 -0.40
N GLY B 116 14.58 -3.40 -1.61
CA GLY B 116 15.53 -3.18 -2.69
C GLY B 116 16.19 -1.82 -2.58
N ALA B 117 17.36 -1.66 -3.16
CA ALA B 117 18.14 -0.45 -3.03
C ALA B 117 17.44 0.81 -3.51
N ASP B 118 16.54 0.67 -4.47
CA ASP B 118 15.90 1.82 -5.10
C ASP B 118 14.45 2.00 -4.69
N GLY B 119 14.01 1.36 -3.61
CA GLY B 119 12.70 1.66 -3.04
C GLY B 119 11.67 0.54 -3.06
N ALA B 120 11.97 -0.61 -3.61
CA ALA B 120 10.99 -1.70 -3.67
C ALA B 120 10.89 -2.41 -2.32
N LEU B 121 9.67 -2.78 -1.95
CA LEU B 121 9.43 -3.75 -0.89
C LEU B 121 8.75 -4.94 -1.50
N THR B 122 9.22 -6.14 -1.18
CA THR B 122 8.67 -7.36 -1.69
C THR B 122 8.67 -8.32 -0.51
C THR B 122 8.78 -8.48 -0.68
N GLY B 123 7.73 -9.25 -0.47
CA GLY B 123 7.82 -10.34 0.49
C GLY B 123 6.54 -11.05 0.70
N THR B 124 6.37 -11.60 1.90
CA THR B 124 5.19 -12.35 2.25
C THR B 124 4.69 -11.96 3.64
N TYR B 125 3.41 -12.18 3.83
CA TYR B 125 2.74 -11.85 5.08
C TYR B 125 1.91 -13.03 5.53
N GLU B 126 1.99 -13.34 6.82
CA GLU B 126 1.19 -14.39 7.43
C GLU B 126 0.47 -13.75 8.59
N SER B 127 -0.86 -13.69 8.49
CA SER B 127 -1.64 -13.08 9.55
C SER B 127 -2.04 -14.09 10.62
N ALA B 128 -1.92 -13.67 11.86
CA ALA B 128 -2.36 -14.48 13.00
C ALA B 128 -3.89 -14.49 13.16
N VAL B 129 -4.58 -13.60 12.46
CA VAL B 129 -6.03 -13.42 12.57
C VAL B 129 -6.67 -13.28 11.19
N GLY B 130 -7.97 -13.41 11.13
CA GLY B 130 -8.70 -13.22 9.88
C GLY B 130 -8.56 -14.37 8.90
N ASN B 131 -8.83 -14.09 7.63
CA ASN B 131 -8.87 -15.11 6.58
C ASN B 131 -9.84 -16.22 6.91
C11 BTN C . 3.68 14.58 -0.16
O11 BTN C . 3.38 15.78 -0.35
O12 BTN C . 4.10 14.13 0.94
C10 BTN C . 3.60 13.64 -1.33
C9 BTN C . 2.40 13.83 -2.26
C8 BTN C . 1.10 13.38 -1.59
C7 BTN C . -0.12 13.57 -2.51
C2 BTN C . -1.39 12.96 -1.90
S1 BTN C . -1.44 11.17 -1.93
C6 BTN C . -3.16 11.24 -1.40
C5 BTN C . -3.79 12.36 -2.22
N1 BTN C . -4.25 11.90 -3.52
C3 BTN C . -3.56 12.45 -4.52
O3 BTN C . -3.76 12.19 -5.73
N2 BTN C . -2.66 13.30 -4.03
C4 BTN C . -2.70 13.38 -2.58
C1 GOL D . -1.67 19.53 14.28
O1 GOL D . -0.90 20.35 15.15
C2 GOL D . -1.31 19.78 12.81
O2 GOL D . -1.50 21.15 12.45
C3 GOL D . 0.15 19.39 12.60
O3 GOL D . 0.47 19.40 11.21
C1 GOL E . 16.49 5.30 -8.45
C1 GOL E . 12.87 5.89 -9.50
O1 GOL E . 16.87 5.42 -9.83
O1 GOL E . 11.71 6.73 -9.62
C2 GOL E . 14.99 5.36 -8.30
C2 GOL E . 13.67 6.03 -8.19
O2 GOL E . 14.39 4.20 -8.89
O2 GOL E . 14.06 7.38 -7.89
C3 GOL E . 14.63 5.41 -6.82
C3 GOL E . 12.88 5.56 -6.98
O3 GOL E . 15.07 6.66 -6.26
O3 GOL E . 13.74 5.56 -5.84
S SO4 F . 13.48 8.50 -15.05
O1 SO4 F . 12.31 7.62 -15.21
O2 SO4 F . 13.24 9.78 -15.76
O3 SO4 F . 13.82 8.82 -13.67
O4 SO4 F . 14.72 7.91 -15.66
C11 BTN G . -9.35 -10.84 5.92
O11 BTN G . -9.78 -11.47 6.92
O12 BTN G . -10.07 -10.13 5.18
C10 BTN G . -7.90 -10.94 5.58
C9 BTN G . -6.93 -10.99 6.76
C8 BTN G . -6.80 -9.62 7.43
C7 BTN G . -5.82 -9.61 8.60
C2 BTN G . -5.59 -8.19 9.16
S1 BTN G . -4.58 -7.16 8.09
C6 BTN G . -4.50 -5.93 9.38
C5 BTN G . -4.31 -6.72 10.68
N1 BTN G . -2.89 -6.99 10.93
C3 BTN G . -2.61 -8.28 10.87
O3 BTN G . -1.49 -8.78 11.02
N2 BTN G . -3.74 -8.98 10.63
C4 BTN G . -4.90 -8.12 10.52
C1 GOL H . -21.54 -1.82 11.46
O1 GOL H . -22.91 -2.17 11.30
C2 GOL H . -20.68 -3.07 11.50
O2 GOL H . -21.13 -3.93 12.55
C3 GOL H . -20.80 -3.81 10.18
O3 GOL H . -19.85 -4.87 10.13
S SO4 I . -10.51 -22.63 8.67
O1 SO4 I . -11.68 -21.92 8.13
O2 SO4 I . -9.63 -21.66 9.35
O3 SO4 I . -10.96 -23.67 9.61
O4 SO4 I . -9.78 -23.27 7.54
S SO4 J . -4.20 -22.62 5.21
O1 SO4 J . -4.38 -21.24 4.70
O2 SO4 J . -5.11 -23.52 4.47
O3 SO4 J . -2.79 -23.05 5.01
O4 SO4 J . -4.57 -22.65 6.63
C1 EOH K . 15.00 -2.20 -6.48
C2 EOH K . 14.74 -3.66 -6.15
O EOH K . 14.50 -1.35 -5.52
#